data_6WDZ
#
_entry.id   6WDZ
#
_cell.length_a   99.527
_cell.length_b   99.527
_cell.length_c   73.695
_cell.angle_alpha   90.000
_cell.angle_beta   90.000
_cell.angle_gamma   120.000
#
_symmetry.space_group_name_H-M   'P 64'
#
loop_
_entity.id
_entity.type
_entity.pdbx_description
1 polymer "DNA (5'-D(*TP*AP*GP*TP*AP*TP*TP*AP*CP*C)-3')"
2 polymer 'ATP-dependent helicase Rep'
3 non-polymer 'MANGANESE (II) ION'
4 non-polymer 1,2-ETHANEDIOL
5 water water
#
loop_
_entity_poly.entity_id
_entity_poly.type
_entity_poly.pdbx_seq_one_letter_code
_entity_poly.pdbx_strand_id
1 'polydeoxyribonucleotide' (DT)(DA)(DG)(DT)(DA)(DT)(DT)(DA)(DC)(DC) C,I,F,J
2 'polypeptide(L)'
;PSKKNGRSGPQPHKRWVFTLNNPSEDERKKIRDLPISLFDYFIVGEEGNEEGRTPHLQGFANFVKKQTFNKVKWYLGARC
HIEKAKGTDQQNKEFCSKEGNLLMECGAPRSQGQR
;
D,G,A
#
# COMPACT_ATOMS: atom_id res chain seq x y z
N PRO B 10 5.21 14.22 26.76
CA PRO B 10 4.55 15.53 26.77
C PRO B 10 5.37 16.62 26.08
N GLN B 11 6.46 16.20 25.44
CA GLN B 11 7.42 17.13 24.86
C GLN B 11 6.87 17.72 23.56
N PRO B 12 7.06 19.02 23.34
CA PRO B 12 6.65 19.61 22.06
C PRO B 12 7.50 19.06 20.92
N HIS B 13 6.89 19.00 19.74
CA HIS B 13 7.56 18.50 18.57
C HIS B 13 7.08 19.31 17.38
N LYS B 14 7.95 19.44 16.38
CA LYS B 14 7.61 20.25 15.22
C LYS B 14 6.67 19.53 14.27
N ARG B 15 6.82 18.22 14.16
CA ARG B 15 6.31 17.48 13.02
C ARG B 15 5.29 16.45 13.45
N TRP B 16 4.08 16.54 12.89
CA TRP B 16 2.96 15.67 13.23
C TRP B 16 2.20 15.22 11.99
N VAL B 17 1.78 13.96 11.97
CA VAL B 17 0.81 13.47 11.00
C VAL B 17 -0.57 13.47 11.67
N PHE B 18 -1.62 13.50 10.85
CA PHE B 18 -2.96 13.44 11.41
C PHE B 18 -3.95 12.83 10.43
N THR B 19 -4.97 12.20 11.00
CA THR B 19 -6.18 11.74 10.30
C THR B 19 -7.39 12.39 10.94
N LEU B 20 -8.37 12.77 10.13
CA LEU B 20 -9.63 13.31 10.65
C LEU B 20 -10.78 12.64 9.91
N ASN B 21 -11.40 11.67 10.57
CA ASN B 21 -12.39 10.83 9.93
C ASN B 21 -13.75 11.52 9.92
N ASN B 22 -14.44 11.44 8.79
CA ASN B 22 -15.78 12.01 8.62
C ASN B 22 -15.83 13.50 8.92
N PRO B 23 -14.96 14.32 8.34
CA PRO B 23 -14.99 15.75 8.64
C PRO B 23 -16.31 16.38 8.23
N SER B 24 -16.74 17.36 9.02
CA SER B 24 -17.88 18.21 8.70
C SER B 24 -17.43 19.39 7.84
N GLU B 25 -18.40 20.17 7.36
CA GLU B 25 -18.04 21.38 6.63
C GLU B 25 -17.33 22.37 7.52
N ASP B 26 -17.69 22.40 8.81
CA ASP B 26 -17.01 23.27 9.76
C ASP B 26 -15.55 22.87 9.93
N GLU B 27 -15.30 21.58 10.18
CA GLU B 27 -13.96 21.10 10.52
C GLU B 27 -13.00 21.29 9.35
N ARG B 28 -13.41 20.86 8.15
CA ARG B 28 -12.73 21.22 6.91
C ARG B 28 -12.36 22.70 6.83
N LYS B 29 -13.34 23.59 7.07
CA LYS B 29 -13.05 25.02 6.88
C LYS B 29 -12.01 25.51 7.87
N LYS B 30 -11.99 24.93 9.07
CA LYS B 30 -10.97 25.29 10.04
C LYS B 30 -9.60 24.90 9.54
N ILE B 31 -9.46 23.66 9.07
CA ILE B 31 -8.19 23.20 8.53
C ILE B 31 -7.80 24.05 7.34
N ARG B 32 -8.67 24.11 6.33
CA ARG B 32 -8.36 24.81 5.09
C ARG B 32 -7.87 26.22 5.36
N ASP B 33 -8.39 26.86 6.40
CA ASP B 33 -8.13 28.27 6.66
C ASP B 33 -7.10 28.49 7.77
N LEU B 34 -6.30 27.49 8.11
CA LEU B 34 -5.26 27.69 9.11
C LEU B 34 -4.30 28.76 8.63
N PRO B 35 -3.80 29.63 9.52
CA PRO B 35 -2.76 30.58 9.10
C PRO B 35 -1.52 29.87 8.60
N ILE B 36 -1.07 30.26 7.41
CA ILE B 36 0.06 29.57 6.80
C ILE B 36 1.36 29.91 7.53
N SER B 37 1.41 31.06 8.20
CA SER B 37 2.58 31.42 9.00
C SER B 37 2.89 30.40 10.10
N LEU B 38 1.93 29.54 10.45
CA LEU B 38 2.21 28.55 11.49
C LEU B 38 3.21 27.48 11.05
N PHE B 39 3.44 27.32 9.73
CA PHE B 39 4.01 26.09 9.18
C PHE B 39 5.30 26.32 8.41
N ASP B 40 6.25 25.41 8.58
CA ASP B 40 7.32 25.29 7.59
C ASP B 40 6.80 24.55 6.37
N TYR B 41 5.95 23.54 6.58
CA TYR B 41 5.26 22.85 5.49
C TYR B 41 3.97 22.27 6.03
N PHE B 42 2.98 22.11 5.15
CA PHE B 42 1.67 21.61 5.56
C PHE B 42 0.94 21.06 4.35
N ILE B 43 0.37 19.87 4.49
CA ILE B 43 -0.34 19.23 3.39
C ILE B 43 -1.53 18.46 3.96
N VAL B 44 -2.69 18.57 3.32
CA VAL B 44 -3.90 17.85 3.71
C VAL B 44 -4.61 17.40 2.46
N GLY B 45 -4.87 16.10 2.33
CA GLY B 45 -5.64 15.56 1.22
C GLY B 45 -6.97 14.98 1.68
N GLU B 46 -7.97 15.06 0.82
CA GLU B 46 -9.27 14.44 1.11
C GLU B 46 -9.28 13.03 0.55
N GLU B 47 -9.63 12.07 1.39
CA GLU B 47 -9.46 10.67 1.04
C GLU B 47 -10.74 9.87 1.32
N GLY B 48 -10.66 8.58 1.02
CA GLY B 48 -11.78 7.66 1.23
C GLY B 48 -13.09 8.15 0.63
N ASN B 49 -13.04 8.74 -0.56
CA ASN B 49 -14.20 9.32 -1.19
C ASN B 49 -14.83 8.38 -2.23
N GLU B 50 -14.62 7.08 -2.08
CA GLU B 50 -15.27 6.07 -2.91
C GLU B 50 -16.14 5.19 -1.99
N GLU B 51 -17.21 4.63 -2.56
CA GLU B 51 -18.21 3.96 -1.73
C GLU B 51 -17.61 2.76 -1.01
N GLY B 52 -18.13 2.49 0.19
CA GLY B 52 -17.53 1.52 1.08
C GLY B 52 -16.48 2.06 2.01
N ARG B 53 -15.99 3.27 1.76
CA ARG B 53 -14.90 3.85 2.53
C ARG B 53 -15.41 4.95 3.44
N THR B 54 -14.59 5.29 4.44
CA THR B 54 -14.87 6.39 5.36
C THR B 54 -14.15 7.64 4.89
N PRO B 55 -14.88 8.69 4.49
CA PRO B 55 -14.20 9.92 4.05
C PRO B 55 -13.41 10.52 5.20
N HIS B 56 -12.19 10.92 4.90
CA HIS B 56 -11.29 11.42 5.93
C HIS B 56 -10.28 12.36 5.32
N LEU B 57 -9.69 13.17 6.18
CA LEU B 57 -8.57 14.02 5.78
C LEU B 57 -7.28 13.32 6.19
N GLN B 58 -6.31 13.34 5.29
CA GLN B 58 -4.98 12.76 5.50
C GLN B 58 -3.97 13.89 5.42
N GLY B 59 -3.33 14.21 6.54
CA GLY B 59 -2.52 15.41 6.59
C GLY B 59 -1.19 15.18 7.28
N PHE B 60 -0.29 16.15 7.06
CA PHE B 60 1.03 16.23 7.67
C PHE B 60 1.34 17.68 8.00
N ALA B 61 1.89 17.93 9.18
CA ALA B 61 2.21 19.30 9.59
C ALA B 61 3.65 19.40 10.07
N ASN B 62 4.37 20.36 9.51
CA ASN B 62 5.68 20.77 10.01
C ASN B 62 5.54 22.21 10.51
N PHE B 63 5.35 22.37 11.83
CA PHE B 63 5.15 23.67 12.43
C PHE B 63 6.47 24.43 12.53
N VAL B 64 6.40 25.76 12.40
CA VAL B 64 7.58 26.62 12.58
C VAL B 64 8.22 26.40 13.95
N LYS B 65 7.40 26.32 15.01
CA LYS B 65 7.86 26.10 16.38
C LYS B 65 7.30 24.79 16.92
N LYS B 66 8.08 24.06 17.72
CA LYS B 66 7.54 22.86 18.36
C LYS B 66 6.21 23.12 19.05
N GLN B 67 5.26 22.22 18.83
CA GLN B 67 3.92 22.30 19.38
C GLN B 67 3.63 21.11 20.26
N THR B 68 2.97 21.34 21.37
CA THR B 68 2.56 20.24 22.24
C THR B 68 1.39 19.50 21.60
N PHE B 69 1.14 18.29 22.11
CA PHE B 69 -0.01 17.50 21.68
C PHE B 69 -1.30 18.30 21.80
N ASN B 70 -1.43 19.05 22.89
CA ASN B 70 -2.63 19.84 23.13
C ASN B 70 -2.76 20.97 22.11
N LYS B 71 -1.65 21.65 21.80
CA LYS B 71 -1.72 22.70 20.79
C LYS B 71 -2.11 22.12 19.43
N VAL B 72 -1.52 20.98 19.08
CA VAL B 72 -1.82 20.39 17.78
C VAL B 72 -3.31 20.08 17.67
N LYS B 73 -3.87 19.44 18.68
CA LYS B 73 -5.31 19.13 18.60
C LYS B 73 -6.15 20.39 18.61
N TRP B 74 -5.62 21.49 19.15
CA TRP B 74 -6.34 22.76 19.07
C TRP B 74 -6.38 23.27 17.64
N TYR B 75 -5.26 23.21 16.94
CA TYR B 75 -5.20 23.73 15.58
C TYR B 75 -6.04 22.89 14.62
N LEU B 76 -6.03 21.56 14.78
CA LEU B 76 -6.59 20.68 13.78
C LEU B 76 -7.95 20.09 14.14
N GLY B 77 -8.29 20.03 15.44
CA GLY B 77 -9.60 19.53 15.86
C GLY B 77 -9.52 18.43 16.90
N ALA B 78 -10.39 18.47 17.92
CA ALA B 78 -10.32 17.46 18.97
C ALA B 78 -10.62 16.08 18.44
N ARG B 79 -11.37 15.98 17.36
CA ARG B 79 -11.68 14.68 16.77
C ARG B 79 -10.59 14.14 15.86
N CYS B 80 -9.46 14.84 15.72
CA CYS B 80 -8.31 14.33 14.96
C CYS B 80 -7.57 13.26 15.72
N HIS B 81 -7.02 12.29 14.97
CA HIS B 81 -5.94 11.46 15.48
C HIS B 81 -4.62 12.09 15.04
N ILE B 82 -3.65 12.13 15.95
CA ILE B 82 -2.35 12.74 15.63
C ILE B 82 -1.23 11.86 16.18
N GLU B 83 -0.05 11.97 15.57
CA GLU B 83 1.15 11.23 15.95
C GLU B 83 2.36 12.05 15.55
N LYS B 84 3.41 12.02 16.37
CA LYS B 84 4.73 12.53 15.97
C LYS B 84 5.17 11.91 14.65
N ALA B 85 5.64 12.75 13.72
CA ALA B 85 5.98 12.21 12.41
C ALA B 85 7.28 11.42 12.48
N LYS B 86 7.31 10.30 11.78
CA LYS B 86 8.54 9.53 11.66
C LYS B 86 9.13 9.51 10.26
N GLY B 87 8.31 9.65 9.22
CA GLY B 87 8.84 9.85 7.88
C GLY B 87 9.19 11.31 7.60
N THR B 88 9.86 11.53 6.46
CA THR B 88 10.32 12.85 6.05
C THR B 88 9.15 13.67 5.50
N ASP B 89 9.40 14.98 5.33
CA ASP B 89 8.41 15.87 4.73
C ASP B 89 8.00 15.34 3.36
N GLN B 90 8.99 15.00 2.52
CA GLN B 90 8.71 14.48 1.18
C GLN B 90 7.86 13.23 1.24
N GLN B 91 8.22 12.28 2.11
CA GLN B 91 7.45 11.03 2.22
C GLN B 91 6.01 11.31 2.61
N ASN B 92 5.80 12.26 3.54
CA ASN B 92 4.42 12.63 3.88
C ASN B 92 3.75 13.38 2.74
N LYS B 93 4.46 14.29 2.09
CA LYS B 93 3.90 14.91 0.90
C LYS B 93 3.38 13.86 -0.07
N GLU B 94 4.20 12.84 -0.35
CA GLU B 94 3.78 11.77 -1.26
C GLU B 94 2.55 11.04 -0.72
N PHE B 95 2.59 10.64 0.56
CA PHE B 95 1.50 9.83 1.10
C PHE B 95 0.18 10.61 1.12
N CYS B 96 0.22 11.88 1.52
CA CYS B 96 -1.00 12.67 1.58
C CYS B 96 -1.49 13.19 0.23
N SER B 97 -0.71 13.04 -0.83
CA SER B 97 -1.17 13.41 -2.15
C SER B 97 -1.68 12.23 -2.97
N LYS B 98 -1.52 11.00 -2.48
CA LYS B 98 -1.68 9.82 -3.32
C LYS B 98 -3.08 9.68 -3.90
N GLU B 99 -4.11 10.27 -3.31
CA GLU B 99 -5.46 10.11 -3.83
C GLU B 99 -5.93 11.31 -4.64
N GLY B 100 -5.11 12.35 -4.78
CA GLY B 100 -5.31 13.37 -5.80
C GLY B 100 -6.33 14.45 -5.52
N ASN B 101 -6.68 14.71 -4.25
CA ASN B 101 -7.69 15.73 -3.94
C ASN B 101 -7.20 16.52 -2.71
N LEU B 102 -6.33 17.50 -2.96
CA LEU B 102 -5.72 18.25 -1.87
C LEU B 102 -6.67 19.32 -1.34
N LEU B 103 -6.83 19.35 -0.02
CA LEU B 103 -7.62 20.40 0.62
C LEU B 103 -6.79 21.65 0.86
N MET B 104 -5.54 21.49 1.30
CA MET B 104 -4.66 22.65 1.42
C MET B 104 -3.21 22.18 1.50
N GLU B 105 -2.32 22.98 0.92
CA GLU B 105 -0.90 22.70 0.98
C GLU B 105 -0.18 24.04 1.05
N CYS B 106 0.73 24.19 1.99
CA CYS B 106 1.49 25.43 2.02
C CYS B 106 2.90 25.15 2.49
N GLY B 107 3.78 26.13 2.29
CA GLY B 107 5.14 25.99 2.75
C GLY B 107 5.97 25.24 1.72
N ALA B 108 7.00 24.55 2.21
CA ALA B 108 7.91 23.82 1.36
C ALA B 108 8.42 22.61 2.13
N PRO B 109 8.45 21.42 1.52
CA PRO B 109 9.04 20.28 2.23
C PRO B 109 10.47 20.59 2.62
N ARG B 110 10.85 20.16 3.81
CA ARG B 110 12.15 20.54 4.36
C ARG B 110 13.03 19.30 4.54
N SER B 111 14.33 19.56 4.55
CA SER B 111 15.38 18.53 4.74
C SER B 111 15.44 17.61 3.54
N GLN D 11 -20.55 -38.13 9.05
CA GLN D 11 -20.73 -36.92 9.86
C GLN D 11 -19.40 -36.21 10.20
N PRO D 12 -18.34 -36.94 10.57
CA PRO D 12 -17.01 -36.33 10.58
C PRO D 12 -16.40 -36.30 9.19
N HIS D 13 -15.72 -35.20 8.88
CA HIS D 13 -15.16 -35.02 7.55
C HIS D 13 -13.78 -34.39 7.64
N LYS D 14 -12.98 -34.63 6.59
CA LYS D 14 -11.59 -34.20 6.59
C LYS D 14 -11.35 -32.84 5.94
N ARG D 15 -12.04 -32.46 4.87
CA ARG D 15 -11.69 -31.25 4.12
C ARG D 15 -12.69 -30.14 4.41
N TRP D 16 -12.16 -28.98 4.85
CA TRP D 16 -12.97 -27.84 5.27
C TRP D 16 -12.45 -26.58 4.60
N VAL D 17 -13.36 -25.62 4.43
CA VAL D 17 -13.02 -24.26 4.09
C VAL D 17 -13.42 -23.37 5.26
N PHE D 18 -12.80 -22.20 5.35
CA PHE D 18 -13.15 -21.28 6.42
C PHE D 18 -12.82 -19.84 6.06
N THR D 19 -13.41 -18.95 6.84
CA THR D 19 -13.32 -17.50 6.68
C THR D 19 -13.29 -16.90 8.09
N LEU D 20 -12.22 -16.22 8.44
CA LEU D 20 -12.19 -15.53 9.73
C LEU D 20 -12.15 -14.04 9.43
N ASN D 21 -13.30 -13.38 9.61
CA ASN D 21 -13.42 -11.96 9.36
C ASN D 21 -12.93 -11.18 10.57
N ASN D 22 -12.30 -10.03 10.31
CA ASN D 22 -11.71 -9.18 11.33
C ASN D 22 -10.84 -9.99 12.31
N PRO D 23 -9.85 -10.73 11.79
CA PRO D 23 -9.07 -11.62 12.66
C PRO D 23 -8.25 -10.82 13.65
N SER D 24 -8.11 -11.38 14.85
CA SER D 24 -7.33 -10.69 15.86
C SER D 24 -5.86 -11.04 15.64
N GLU D 25 -5.00 -10.52 16.51
CA GLU D 25 -3.60 -10.89 16.44
C GLU D 25 -3.36 -12.26 17.07
N ASP D 26 -4.01 -12.52 18.20
CA ASP D 26 -3.92 -13.86 18.79
C ASP D 26 -4.54 -14.90 17.87
N GLU D 27 -5.66 -14.58 17.22
CA GLU D 27 -6.29 -15.55 16.31
C GLU D 27 -5.38 -15.89 15.12
N ARG D 28 -4.59 -14.93 14.67
CA ARG D 28 -3.75 -15.15 13.48
C ARG D 28 -2.50 -15.96 13.82
N LYS D 29 -1.78 -15.57 14.88
CA LYS D 29 -0.67 -16.39 15.35
C LYS D 29 -1.12 -17.80 15.72
N LYS D 30 -2.38 -17.99 16.09
CA LYS D 30 -2.84 -19.35 16.38
C LYS D 30 -2.90 -20.19 15.11
N ILE D 31 -3.54 -19.66 14.07
CA ILE D 31 -3.46 -20.34 12.76
C ILE D 31 -2.02 -20.36 12.28
N ARG D 32 -1.22 -19.39 12.72
CA ARG D 32 0.21 -19.29 12.45
C ARG D 32 1.07 -20.01 13.48
N ASP D 33 0.46 -20.82 14.35
CA ASP D 33 1.19 -21.75 15.19
C ASP D 33 0.69 -23.19 15.04
N LEU D 34 -0.38 -23.43 14.27
CA LEU D 34 -1.01 -24.74 14.18
C LEU D 34 -0.03 -25.78 13.62
N PRO D 35 0.05 -26.97 14.22
CA PRO D 35 1.04 -27.97 13.77
C PRO D 35 0.73 -28.47 12.37
N ILE D 36 1.75 -28.50 11.52
CA ILE D 36 1.46 -28.98 10.16
C ILE D 36 0.97 -30.42 10.18
N SER D 37 1.42 -31.23 11.16
CA SER D 37 1.13 -32.66 11.14
C SER D 37 -0.35 -32.93 11.16
N LEU D 38 -1.14 -31.99 11.67
CA LEU D 38 -2.59 -32.14 11.69
C LEU D 38 -3.19 -32.15 10.29
N PHE D 39 -2.45 -31.67 9.27
CA PHE D 39 -3.01 -31.43 7.95
C PHE D 39 -2.28 -32.23 6.88
N ASP D 40 -3.07 -32.78 5.95
CA ASP D 40 -2.54 -33.20 4.65
C ASP D 40 -2.17 -31.98 3.80
N TYR D 41 -3.01 -30.95 3.84
CA TYR D 41 -2.72 -29.69 3.20
C TYR D 41 -3.50 -28.59 3.90
N PHE D 42 -2.80 -27.50 4.19
CA PHE D 42 -3.36 -26.31 4.83
C PHE D 42 -2.95 -25.07 4.04
N ILE D 43 -3.87 -24.11 3.99
CA ILE D 43 -3.68 -22.90 3.22
C ILE D 43 -4.51 -21.78 3.85
N VAL D 44 -3.87 -20.66 4.17
CA VAL D 44 -4.61 -19.45 4.53
C VAL D 44 -3.92 -18.23 3.92
N GLY D 45 -4.69 -17.44 3.16
CA GLY D 45 -4.24 -16.16 2.67
C GLY D 45 -4.91 -15.05 3.46
N GLU D 46 -4.20 -13.93 3.59
CA GLU D 46 -4.75 -12.74 4.23
C GLU D 46 -5.41 -11.88 3.15
N GLU D 47 -6.69 -11.58 3.34
CA GLU D 47 -7.53 -11.03 2.28
C GLU D 47 -8.21 -9.74 2.74
N GLY D 48 -8.59 -8.92 1.76
CA GLY D 48 -9.24 -7.65 2.03
C GLY D 48 -8.38 -6.66 2.80
N GLU D 51 -8.52 0.00 0.01
CA GLU D 51 -9.36 -0.25 1.17
C GLU D 51 -10.85 -0.25 0.86
N GLY D 52 -11.65 -0.15 1.92
CA GLY D 52 -13.08 -0.32 1.87
C GLY D 52 -13.56 -1.73 2.16
N ARG D 53 -12.64 -2.65 2.46
CA ARG D 53 -13.01 -4.05 2.62
C ARG D 53 -12.66 -4.54 4.02
N THR D 54 -13.44 -5.50 4.50
CA THR D 54 -13.18 -6.08 5.81
C THR D 54 -12.04 -7.08 5.73
N PRO D 55 -10.93 -6.85 6.44
CA PRO D 55 -9.81 -7.79 6.40
C PRO D 55 -10.21 -9.11 7.04
N HIS D 56 -9.90 -10.20 6.35
CA HIS D 56 -10.36 -11.53 6.73
C HIS D 56 -9.37 -12.55 6.20
N LEU D 57 -9.32 -13.70 6.87
CA LEU D 57 -8.53 -14.85 6.46
C LEU D 57 -9.40 -15.82 5.65
N GLN D 58 -8.86 -16.30 4.54
CA GLN D 58 -9.56 -17.16 3.57
C GLN D 58 -8.78 -18.44 3.39
N GLY D 59 -9.30 -19.55 3.92
CA GLY D 59 -8.50 -20.76 4.06
C GLY D 59 -9.25 -22.03 3.68
N PHE D 60 -8.45 -23.08 3.52
CA PHE D 60 -8.91 -24.43 3.25
C PHE D 60 -8.01 -25.40 4.01
N ALA D 61 -8.52 -26.60 4.33
CA ALA D 61 -7.75 -27.50 5.19
C ALA D 61 -8.07 -28.96 4.92
N ASN D 62 -7.04 -29.74 4.53
CA ASN D 62 -7.11 -31.20 4.45
C ASN D 62 -6.50 -31.81 5.70
N PHE D 63 -7.30 -31.97 6.75
CA PHE D 63 -6.81 -32.66 7.95
C PHE D 63 -6.39 -34.07 7.57
N VAL D 64 -5.46 -34.64 8.34
CA VAL D 64 -5.13 -36.04 8.08
C VAL D 64 -6.25 -36.92 8.61
N LYS D 65 -6.91 -36.51 9.70
CA LYS D 65 -8.00 -37.28 10.29
C LYS D 65 -9.32 -36.53 10.14
N LYS D 66 -10.40 -37.30 9.94
CA LYS D 66 -11.72 -36.69 9.91
C LYS D 66 -11.94 -35.87 11.18
N GLN D 67 -12.59 -34.69 11.03
CA GLN D 67 -12.90 -33.79 12.13
C GLN D 67 -14.40 -33.56 12.22
N THR D 68 -14.92 -33.48 13.46
CA THR D 68 -16.29 -33.03 13.64
C THR D 68 -16.38 -31.53 13.38
N PHE D 69 -17.63 -31.02 13.27
CA PHE D 69 -17.85 -29.66 12.82
C PHE D 69 -17.06 -28.64 13.66
N ASN D 70 -17.22 -28.68 14.98
CA ASN D 70 -16.65 -27.61 15.76
C ASN D 70 -15.38 -27.98 16.55
N LYS D 71 -14.90 -29.24 16.45
CA LYS D 71 -13.48 -29.48 16.69
C LYS D 71 -12.63 -28.82 15.62
N VAL D 72 -13.17 -28.62 14.41
CA VAL D 72 -12.52 -27.73 13.46
C VAL D 72 -12.29 -26.36 14.10
N LYS D 73 -13.36 -25.80 14.68
CA LYS D 73 -13.33 -24.43 15.21
C LYS D 73 -12.67 -24.33 16.57
N TRP D 74 -12.64 -25.41 17.34
CA TRP D 74 -11.63 -25.49 18.40
C TRP D 74 -10.21 -25.32 17.85
N TYR D 75 -9.95 -25.90 16.67
CA TYR D 75 -8.62 -25.81 16.10
C TYR D 75 -8.37 -24.43 15.50
N LEU D 76 -9.40 -23.86 14.88
CA LEU D 76 -9.33 -22.55 14.25
C LEU D 76 -10.03 -21.43 15.05
N GLY D 77 -10.54 -21.69 16.24
CA GLY D 77 -11.16 -20.57 16.96
C GLY D 77 -12.63 -20.45 16.67
N ALA D 78 -13.40 -20.03 17.69
CA ALA D 78 -14.86 -20.12 17.60
C ALA D 78 -15.48 -19.08 16.67
N ARG D 79 -14.77 -18.03 16.32
CA ARG D 79 -15.30 -16.99 15.43
C ARG D 79 -15.26 -17.37 13.95
N CYS D 80 -14.78 -18.56 13.60
CA CYS D 80 -14.58 -18.90 12.20
C CYS D 80 -15.89 -19.33 11.56
N HIS D 81 -16.08 -18.93 10.30
CA HIS D 81 -17.10 -19.53 9.43
C HIS D 81 -16.49 -20.69 8.66
N ILE D 82 -17.11 -21.86 8.78
CA ILE D 82 -16.56 -23.07 8.19
C ILE D 82 -17.63 -23.78 7.36
N GLU D 83 -17.17 -24.52 6.36
CA GLU D 83 -18.03 -25.28 5.47
C GLU D 83 -17.27 -26.54 5.07
N LYS D 84 -18.01 -27.59 4.73
CA LYS D 84 -17.40 -28.81 4.20
C LYS D 84 -16.94 -28.57 2.77
N ALA D 85 -15.70 -28.96 2.48
CA ALA D 85 -15.04 -28.61 1.22
C ALA D 85 -15.70 -29.28 0.02
N LYS D 86 -16.27 -28.48 -0.88
CA LYS D 86 -16.86 -29.01 -2.11
C LYS D 86 -15.91 -28.91 -3.30
N GLY D 87 -14.78 -28.21 -3.17
CA GLY D 87 -13.80 -28.12 -4.22
C GLY D 87 -12.63 -29.07 -4.02
N THR D 88 -11.64 -28.92 -4.89
CA THR D 88 -10.41 -29.70 -4.85
C THR D 88 -9.33 -28.94 -4.09
N ASP D 89 -8.34 -29.68 -3.56
CA ASP D 89 -7.24 -29.06 -2.82
C ASP D 89 -6.47 -28.08 -3.69
N GLN D 90 -6.53 -28.23 -5.02
CA GLN D 90 -5.80 -27.41 -5.98
C GLN D 90 -6.59 -26.15 -6.36
N GLN D 91 -7.91 -26.31 -6.51
CA GLN D 91 -8.77 -25.16 -6.67
C GLN D 91 -8.73 -24.27 -5.42
N ASN D 92 -8.80 -24.87 -4.23
CA ASN D 92 -8.68 -24.07 -3.00
C ASN D 92 -7.34 -23.35 -2.93
N LYS D 93 -6.24 -24.09 -3.12
CA LYS D 93 -4.92 -23.48 -3.16
C LYS D 93 -4.95 -22.16 -3.94
N GLU D 94 -5.44 -22.24 -5.19
CA GLU D 94 -5.57 -21.07 -6.06
C GLU D 94 -6.56 -20.06 -5.50
N PHE D 95 -7.61 -20.51 -4.82
CA PHE D 95 -8.60 -19.54 -4.36
C PHE D 95 -8.17 -18.82 -3.08
N CYS D 96 -7.26 -19.39 -2.31
CA CYS D 96 -6.77 -18.75 -1.09
C CYS D 96 -5.42 -18.07 -1.29
N SER D 97 -4.74 -18.34 -2.40
CA SER D 97 -3.53 -17.62 -2.73
C SER D 97 -3.80 -16.41 -3.64
N LYS D 98 -5.07 -16.07 -3.85
CA LYS D 98 -5.50 -15.09 -4.85
C LYS D 98 -5.23 -13.64 -4.47
N GLU D 99 -5.04 -13.32 -3.19
CA GLU D 99 -4.75 -11.94 -2.81
C GLU D 99 -3.28 -11.72 -2.47
N GLY D 100 -2.43 -12.73 -2.66
CA GLY D 100 -1.00 -12.51 -2.69
C GLY D 100 -0.33 -12.25 -1.37
N ASN D 101 -0.90 -12.74 -0.27
CA ASN D 101 -0.28 -12.62 1.05
C ASN D 101 -0.69 -13.85 1.88
N LEU D 102 -0.01 -14.97 1.63
CA LEU D 102 -0.35 -16.14 2.44
C LEU D 102 0.06 -15.93 3.88
N LEU D 103 -0.77 -16.41 4.79
CA LEU D 103 -0.41 -16.48 6.20
C LEU D 103 0.42 -17.73 6.51
N MET D 104 0.09 -18.85 5.89
CA MET D 104 0.85 -20.06 6.15
C MET D 104 0.38 -21.06 5.11
N GLU D 105 1.11 -22.16 4.98
CA GLU D 105 0.73 -23.24 4.07
C GLU D 105 1.55 -24.46 4.46
N CYS D 106 0.97 -25.65 4.34
CA CYS D 106 1.81 -26.82 4.59
C CYS D 106 1.21 -28.05 3.94
N GLY D 107 2.03 -28.74 3.16
CA GLY D 107 1.60 -29.84 2.34
C GLY D 107 1.55 -29.48 0.86
N ALA D 108 0.80 -30.28 0.13
CA ALA D 108 0.73 -30.13 -1.31
C ALA D 108 -0.68 -30.52 -1.74
N PRO D 109 -1.13 -30.03 -2.89
CA PRO D 109 -2.45 -30.49 -3.39
C PRO D 109 -2.47 -32.00 -3.53
N ARG D 110 -3.43 -32.63 -2.82
CA ARG D 110 -3.63 -34.07 -2.87
C ARG D 110 -4.76 -34.43 -3.84
N SER D 111 -4.61 -35.58 -4.49
CA SER D 111 -5.65 -36.10 -5.38
C SER D 111 -5.76 -37.63 -5.28
N GLN G 11 -8.95 9.32 -17.47
CA GLN G 11 -7.95 10.03 -16.68
C GLN G 11 -6.83 9.11 -16.14
N PRO G 12 -7.15 8.00 -15.49
CA PRO G 12 -6.10 7.06 -15.11
C PRO G 12 -5.62 6.29 -16.33
N HIS G 13 -4.35 5.92 -16.33
CA HIS G 13 -3.75 5.39 -17.56
C HIS G 13 -2.80 4.27 -17.23
N LYS G 14 -2.68 3.33 -18.17
CA LYS G 14 -1.88 2.14 -17.95
C LYS G 14 -0.38 2.44 -18.07
N ARG G 15 0.02 3.24 -19.04
CA ARG G 15 1.42 3.35 -19.42
C ARG G 15 1.94 4.78 -19.22
N TRP G 16 3.07 4.90 -18.51
CA TRP G 16 3.71 6.18 -18.16
C TRP G 16 5.21 6.11 -18.35
N VAL G 17 5.81 7.19 -18.85
CA VAL G 17 7.26 7.41 -18.70
C VAL G 17 7.51 8.30 -17.49
N PHE G 18 8.76 8.33 -17.03
CA PHE G 18 9.15 9.26 -15.97
C PHE G 18 10.64 9.57 -16.06
N THR G 19 10.98 10.76 -15.60
CA THR G 19 12.33 11.22 -15.38
C THR G 19 12.41 11.65 -13.92
N LEU G 20 13.49 11.29 -13.23
CA LEU G 20 13.72 11.76 -11.86
C LEU G 20 15.13 12.34 -11.79
N ASN G 21 15.23 13.66 -11.68
CA ASN G 21 16.55 14.29 -11.76
C ASN G 21 17.23 14.30 -10.40
N ASN G 22 18.54 14.08 -10.40
CA ASN G 22 19.34 14.09 -9.18
C ASN G 22 18.75 13.20 -8.09
N PRO G 23 18.48 11.92 -8.37
CA PRO G 23 17.84 11.07 -7.37
C PRO G 23 18.78 10.84 -6.19
N SER G 24 18.18 10.76 -5.01
CA SER G 24 18.97 10.42 -3.84
C SER G 24 18.94 8.90 -3.65
N GLU G 25 19.79 8.43 -2.74
CA GLU G 25 19.80 7.00 -2.44
C GLU G 25 18.45 6.53 -1.91
N ASP G 26 17.76 7.38 -1.15
CA ASP G 26 16.44 7.01 -0.65
C ASP G 26 15.44 6.85 -1.80
N GLU G 27 15.45 7.79 -2.75
CA GLU G 27 14.47 7.75 -3.81
C GLU G 27 14.71 6.56 -4.72
N ARG G 28 15.98 6.21 -4.93
CA ARG G 28 16.35 5.04 -5.72
C ARG G 28 15.86 3.75 -5.06
N LYS G 29 15.88 3.72 -3.72
CA LYS G 29 15.46 2.53 -2.97
C LYS G 29 13.95 2.37 -3.02
N LYS G 30 13.20 3.46 -2.84
CA LYS G 30 11.76 3.43 -3.04
C LYS G 30 11.38 2.72 -4.33
N ILE G 31 12.01 3.11 -5.43
CA ILE G 31 11.68 2.56 -6.75
C ILE G 31 12.18 1.12 -6.86
N ARG G 32 13.46 0.92 -6.52
CA ARG G 32 14.01 -0.43 -6.42
C ARG G 32 13.06 -1.40 -5.73
N ASP G 33 12.47 -0.96 -4.61
CA ASP G 33 11.64 -1.81 -3.77
C ASP G 33 10.19 -1.94 -4.24
N LEU G 34 9.82 -1.41 -5.40
CA LEU G 34 8.44 -1.59 -5.86
C LEU G 34 8.19 -3.07 -6.15
N PRO G 35 7.00 -3.58 -5.83
CA PRO G 35 6.72 -4.99 -6.12
C PRO G 35 6.56 -5.20 -7.61
N ILE G 36 7.12 -6.31 -8.11
CA ILE G 36 7.05 -6.54 -9.54
C ILE G 36 5.65 -6.92 -10.00
N SER G 37 4.75 -7.29 -9.07
CA SER G 37 3.36 -7.55 -9.42
C SER G 37 2.59 -6.31 -9.85
N LEU G 38 3.09 -5.11 -9.53
CA LEU G 38 2.47 -3.87 -10.01
C LEU G 38 2.51 -3.71 -11.54
N PHE G 39 3.44 -4.35 -12.24
CA PHE G 39 3.77 -3.98 -13.62
C PHE G 39 3.61 -5.15 -14.60
N ASP G 40 3.10 -4.84 -15.80
CA ASP G 40 3.31 -5.73 -16.95
C ASP G 40 4.74 -5.60 -17.46
N TYR G 41 5.28 -4.38 -17.44
CA TYR G 41 6.65 -4.09 -17.85
C TYR G 41 7.17 -2.84 -17.15
N PHE G 42 8.42 -2.88 -16.70
CA PHE G 42 9.01 -1.74 -16.01
C PHE G 42 10.51 -1.74 -16.26
N ILE G 43 11.07 -0.59 -16.57
CA ILE G 43 12.51 -0.44 -16.77
C ILE G 43 12.92 0.92 -16.22
N VAL G 44 14.09 0.98 -15.55
CA VAL G 44 14.64 2.23 -15.03
C VAL G 44 16.14 2.22 -15.31
N GLY G 45 16.62 3.23 -16.03
CA GLY G 45 18.04 3.37 -16.32
C GLY G 45 18.64 4.55 -15.58
N GLU G 46 19.89 4.39 -15.14
CA GLU G 46 20.65 5.52 -14.58
C GLU G 46 21.33 6.23 -15.74
N GLU G 47 21.07 7.53 -15.90
CA GLU G 47 21.61 8.31 -16.99
C GLU G 47 22.18 9.62 -16.45
N GLY G 48 22.74 10.42 -17.36
CA GLY G 48 23.22 11.74 -16.98
C GLY G 48 24.43 11.74 -16.07
N ASN G 49 25.26 10.71 -16.12
CA ASN G 49 26.41 10.64 -15.24
C ASN G 49 27.70 11.07 -15.91
N GLU G 50 27.65 11.48 -17.17
CA GLU G 50 28.84 11.84 -17.93
C GLU G 50 29.09 13.34 -17.77
N GLU G 51 29.87 13.91 -18.69
CA GLU G 51 30.48 15.23 -18.52
C GLU G 51 29.44 16.35 -18.39
N GLY G 52 29.55 17.11 -17.31
CA GLY G 52 28.76 18.33 -17.09
C GLY G 52 27.28 18.20 -17.37
N ARG G 53 26.57 17.50 -16.49
CA ARG G 53 25.31 16.85 -16.84
C ARG G 53 24.66 16.27 -15.60
N THR G 54 23.32 16.17 -15.65
CA THR G 54 22.52 15.93 -14.46
C THR G 54 22.20 14.46 -14.30
N PRO G 55 22.67 13.79 -13.24
CA PRO G 55 22.29 12.39 -12.99
C PRO G 55 20.79 12.26 -12.82
N HIS G 56 20.18 11.27 -13.49
CA HIS G 56 18.74 11.11 -13.40
C HIS G 56 18.37 9.67 -13.69
N LEU G 57 17.20 9.27 -13.21
CA LEU G 57 16.56 8.02 -13.64
C LEU G 57 15.68 8.26 -14.85
N GLN G 58 15.80 7.37 -15.84
CA GLN G 58 15.02 7.43 -17.08
C GLN G 58 14.17 6.17 -17.12
N GLY G 59 12.85 6.33 -16.99
CA GLY G 59 12.01 5.20 -16.66
C GLY G 59 10.78 5.10 -17.54
N PHE G 60 10.21 3.90 -17.53
CA PHE G 60 8.94 3.61 -18.18
C PHE G 60 8.24 2.52 -17.37
N ALA G 61 6.95 2.71 -17.13
CA ALA G 61 6.14 1.78 -16.36
C ALA G 61 4.91 1.41 -17.17
N ASN G 62 4.71 0.13 -17.43
CA ASN G 62 3.45 -0.38 -17.98
C ASN G 62 2.72 -1.11 -16.84
N PHE G 63 1.75 -0.44 -16.24
CA PHE G 63 1.13 -0.98 -15.04
C PHE G 63 0.16 -2.12 -15.38
N VAL G 64 0.00 -3.05 -14.43
CA VAL G 64 -1.03 -4.09 -14.58
C VAL G 64 -2.41 -3.46 -14.70
N LYS G 65 -2.67 -2.45 -13.86
CA LYS G 65 -3.93 -1.73 -13.81
C LYS G 65 -3.69 -0.28 -14.16
N LYS G 66 -4.70 0.37 -14.76
CA LYS G 66 -4.59 1.79 -15.04
C LYS G 66 -4.45 2.57 -13.75
N GLN G 67 -3.61 3.59 -13.75
CA GLN G 67 -3.24 4.31 -12.54
C GLN G 67 -3.38 5.80 -12.78
N THR G 68 -3.88 6.51 -11.77
CA THR G 68 -3.99 7.95 -11.88
C THR G 68 -2.61 8.62 -11.77
N PHE G 69 -2.56 9.86 -12.24
CA PHE G 69 -1.37 10.68 -12.14
C PHE G 69 -0.83 10.73 -10.71
N ASN G 70 -1.70 10.92 -9.74
CA ASN G 70 -1.21 11.03 -8.37
C ASN G 70 -0.86 9.69 -7.75
N LYS G 71 -1.47 8.59 -8.22
CA LYS G 71 -1.01 7.27 -7.78
C LYS G 71 0.38 6.96 -8.35
N VAL G 72 0.63 7.34 -9.60
CA VAL G 72 1.95 7.11 -10.18
C VAL G 72 3.01 7.87 -9.39
N LYS G 73 2.71 9.14 -9.05
CA LYS G 73 3.67 9.94 -8.30
C LYS G 73 3.88 9.39 -6.90
N TRP G 74 2.85 8.76 -6.33
CA TRP G 74 3.01 8.10 -5.04
C TRP G 74 4.02 6.95 -5.15
N TYR G 75 3.90 6.11 -6.19
CA TYR G 75 4.79 4.97 -6.36
C TYR G 75 6.24 5.38 -6.65
N LEU G 76 6.43 6.35 -7.56
CA LEU G 76 7.73 6.67 -8.15
C LEU G 76 8.45 7.81 -7.45
N GLY G 77 7.72 8.77 -6.92
CA GLY G 77 8.29 9.84 -6.11
C GLY G 77 7.77 11.23 -6.43
N ALA G 78 7.69 12.06 -5.40
CA ALA G 78 7.14 13.41 -5.55
C ALA G 78 7.93 14.25 -6.56
N ARG G 79 9.23 14.03 -6.66
CA ARG G 79 10.08 14.85 -7.49
C ARG G 79 10.13 14.39 -8.95
N CYS G 80 9.43 13.32 -9.32
CA CYS G 80 9.47 12.80 -10.69
C CYS G 80 8.67 13.67 -11.62
N HIS G 81 9.13 13.79 -12.87
CA HIS G 81 8.31 14.28 -13.97
C HIS G 81 7.75 13.08 -14.72
N ILE G 82 6.42 13.04 -14.90
CA ILE G 82 5.77 11.90 -15.53
C ILE G 82 4.84 12.36 -16.64
N GLU G 83 4.65 11.47 -17.63
CA GLU G 83 3.78 11.70 -18.76
C GLU G 83 3.21 10.37 -19.19
N LYS G 84 1.96 10.42 -19.66
CA LYS G 84 1.33 9.33 -20.37
C LYS G 84 2.21 8.92 -21.54
N ALA G 85 2.50 7.63 -21.62
CA ALA G 85 3.40 7.13 -22.66
C ALA G 85 2.73 7.22 -24.02
N LYS G 86 3.43 7.81 -24.99
CA LYS G 86 2.94 7.79 -26.35
C LYS G 86 3.62 6.73 -27.21
N GLY G 87 4.75 6.18 -26.76
CA GLY G 87 5.47 5.19 -27.53
C GLY G 87 5.22 3.77 -27.00
N THR G 88 5.64 2.79 -27.78
CA THR G 88 5.42 1.39 -27.41
C THR G 88 6.37 0.99 -26.27
N ASP G 89 6.06 -0.15 -25.65
CA ASP G 89 6.95 -0.70 -24.62
C ASP G 89 8.35 -0.93 -25.18
N GLN G 90 8.43 -1.54 -26.37
CA GLN G 90 9.72 -1.80 -27.01
C GLN G 90 10.51 -0.52 -27.21
N GLN G 91 9.86 0.55 -27.68
CA GLN G 91 10.60 1.78 -27.90
C GLN G 91 11.12 2.32 -26.58
N ASN G 92 10.31 2.21 -25.54
CA ASN G 92 10.74 2.69 -24.24
C ASN G 92 11.86 1.83 -23.68
N LYS G 93 11.76 0.51 -23.82
CA LYS G 93 12.84 -0.37 -23.41
C LYS G 93 14.16 0.09 -24.01
N GLU G 94 14.17 0.41 -25.31
CA GLU G 94 15.41 0.81 -25.96
C GLU G 94 15.88 2.15 -25.44
N PHE G 95 14.96 3.11 -25.32
CA PHE G 95 15.34 4.47 -24.92
C PHE G 95 15.88 4.50 -23.50
N CYS G 96 15.30 3.74 -22.57
CA CYS G 96 15.79 3.80 -21.19
C CYS G 96 16.99 2.89 -20.96
N SER G 97 17.39 2.10 -21.94
CA SER G 97 18.58 1.27 -21.82
C SER G 97 19.80 1.88 -22.49
N LYS G 98 19.62 3.00 -23.15
CA LYS G 98 20.61 3.53 -24.08
C LYS G 98 21.93 3.93 -23.42
N GLU G 99 21.97 4.11 -22.10
CA GLU G 99 23.23 4.55 -21.51
C GLU G 99 23.93 3.45 -20.70
N GLY G 100 23.38 2.23 -20.67
CA GLY G 100 24.13 1.09 -20.19
C GLY G 100 24.30 0.91 -18.70
N ASN G 101 23.31 1.34 -17.90
CA ASN G 101 23.43 1.20 -16.44
C ASN G 101 22.00 1.13 -15.92
N LEU G 102 21.42 -0.08 -15.95
CA LEU G 102 20.01 -0.28 -15.63
C LEU G 102 19.84 -0.49 -14.14
N LEU G 103 18.88 0.23 -13.53
CA LEU G 103 18.54 0.02 -12.12
C LEU G 103 17.63 -1.19 -11.94
N MET G 104 16.68 -1.37 -12.84
CA MET G 104 15.83 -2.55 -12.76
C MET G 104 15.08 -2.70 -14.06
N GLU G 105 14.66 -3.93 -14.32
CA GLU G 105 13.77 -4.21 -15.44
C GLU G 105 12.99 -5.46 -15.07
N CYS G 106 11.68 -5.41 -15.20
CA CYS G 106 10.90 -6.59 -14.90
C CYS G 106 9.74 -6.69 -15.88
N GLY G 107 9.29 -7.93 -16.10
CA GLY G 107 8.23 -8.21 -17.03
C GLY G 107 8.76 -8.41 -18.43
N ALA G 108 7.94 -8.13 -19.44
CA ALA G 108 8.43 -8.03 -20.80
C ALA G 108 7.61 -6.96 -21.49
N PRO G 109 8.17 -6.30 -22.51
CA PRO G 109 7.39 -5.33 -23.29
C PRO G 109 6.14 -5.98 -23.84
N ARG G 110 5.05 -5.22 -23.84
CA ARG G 110 3.76 -5.71 -24.32
C ARG G 110 3.38 -5.03 -25.63
N SER G 111 2.59 -5.74 -26.42
CA SER G 111 2.07 -5.22 -27.68
C SER G 111 1.16 -4.02 -27.47
#